data_5EFR
#
_entry.id   5EFR
#
_cell.length_a   69.909
_cell.length_b   48.062
_cell.length_c   78.027
_cell.angle_alpha   90.000
_cell.angle_beta   104.310
_cell.angle_gamma   90.000
#
_symmetry.space_group_name_H-M   'P 1 21 1'
#
loop_
_entity.id
_entity.type
_entity.pdbx_description
1 polymer 'BamA-BamD fusion Protein'
2 water water
#
_entity_poly.entity_id   1
_entity_poly.type   'polypeptide(L)'
_entity_poly.pdbx_seq_one_letter_code
;SSYYIRNIEWEGNTVFPDEALTEALGFKKGDPFNRKKLEENLYGNKRSTDVSSLYMNRGYMLFRAEPTIRVVGGDSLDLH
FDVYEGDVFEFGTINIVGNQKTKEHVIRRELYTIPGQTFSRDAIQESIRRLAQLNYFNQEALAAGPEVQINPEKKTVDLT
YKVEEVGHVASGGGGSGGGGSGGGGSGTSAGSGRLRHSSPQEAFERAMEFYNQGKYDRAIEYFKAVFTYGRTHEWAADAQ
FYLARAYYQNKEYLLAASEYERFIQIYQIDPRVPQAEYERAMCYYKLSPPYELDQTDTRKAIEAFQLFIDRYPNHELVDD
ATQKIRELRAKLARKQYEAARLYERRELYEAAAVTYEAVFDAYPDTPWADDALVGAMRAYIAYAEQSVRARQPERYRRAV
ELYERLLQIFPDSPLLRTAEELYTRARQRLTELEGDASLAQGQRQN
;
_entity_poly.pdbx_strand_id   A
#
# COMPACT_ATOMS: atom_id res chain seq x y z
N SER A 2 13.98 -38.73 31.45
CA SER A 2 12.97 -37.83 31.98
C SER A 2 13.61 -36.77 32.88
N TYR A 3 13.26 -35.51 32.66
CA TYR A 3 13.80 -34.39 33.42
C TYR A 3 12.65 -33.59 34.01
N TYR A 4 12.98 -32.78 35.02
CA TYR A 4 11.98 -32.04 35.76
C TYR A 4 12.44 -30.62 36.01
N ILE A 5 11.50 -29.68 35.90
CA ILE A 5 11.83 -28.27 36.01
C ILE A 5 12.22 -27.94 37.44
N ARG A 6 13.33 -27.24 37.61
CA ARG A 6 13.70 -26.71 38.91
C ARG A 6 13.48 -25.20 38.92
N ASN A 7 14.38 -24.45 38.31
CA ASN A 7 14.30 -22.99 38.27
C ASN A 7 14.12 -22.50 36.85
N ILE A 8 13.50 -21.33 36.73
CA ILE A 8 13.31 -20.66 35.45
C ILE A 8 13.65 -19.19 35.67
N GLU A 9 14.66 -18.70 34.96
CA GLU A 9 15.17 -17.36 35.17
C GLU A 9 15.20 -16.59 33.85
N TRP A 10 14.88 -15.30 33.93
CA TRP A 10 14.79 -14.43 32.76
C TRP A 10 15.78 -13.28 32.93
N GLU A 11 16.57 -13.05 31.89
CA GLU A 11 17.56 -11.97 31.89
C GLU A 11 17.32 -11.06 30.69
N GLY A 12 17.14 -9.78 30.97
CA GLY A 12 16.89 -8.78 29.94
C GLY A 12 15.48 -8.27 29.88
N ASN A 13 14.57 -8.82 30.70
CA ASN A 13 13.18 -8.39 30.68
C ASN A 13 12.99 -7.16 31.55
N THR A 14 12.20 -6.22 31.05
CA THR A 14 11.85 -4.99 31.75
C THR A 14 10.36 -4.73 31.70
N VAL A 15 9.70 -5.09 30.60
CA VAL A 15 8.28 -4.81 30.44
C VAL A 15 7.45 -5.73 31.32
N PHE A 16 7.85 -7.00 31.42
CA PHE A 16 7.16 -8.00 32.20
C PHE A 16 8.04 -8.49 33.34
N PRO A 17 7.48 -8.69 34.53
CA PRO A 17 8.26 -9.29 35.61
C PRO A 17 8.58 -10.74 35.29
N ASP A 18 9.57 -11.29 36.00
CA ASP A 18 9.93 -12.69 35.81
C ASP A 18 8.72 -13.60 35.99
N GLU A 19 7.85 -13.26 36.94
CA GLU A 19 6.72 -14.13 37.26
C GLU A 19 5.76 -14.22 36.09
N ALA A 20 5.48 -13.10 35.43
CA ALA A 20 4.56 -13.12 34.30
C ALA A 20 5.06 -14.02 33.19
N LEU A 21 6.36 -13.96 32.89
CA LEU A 21 6.92 -14.78 31.82
C LEU A 21 6.91 -16.26 32.20
N THR A 22 7.19 -16.57 33.46
CA THR A 22 7.16 -17.97 33.89
C THR A 22 5.75 -18.55 33.78
N GLU A 23 4.74 -17.78 34.18
CA GLU A 23 3.36 -18.25 34.05
C GLU A 23 3.01 -18.50 32.59
N ALA A 24 3.55 -17.67 31.69
CA ALA A 24 3.29 -17.87 30.27
C ALA A 24 3.95 -19.14 29.75
N LEU A 25 5.13 -19.48 30.27
CA LEU A 25 5.80 -20.71 29.85
C LEU A 25 4.97 -21.94 30.16
N GLY A 26 4.21 -21.91 31.25
CA GLY A 26 3.38 -23.04 31.63
C GLY A 26 4.11 -24.14 32.36
N PHE A 27 5.34 -23.91 32.79
CA PHE A 27 6.12 -24.91 33.53
C PHE A 27 6.13 -24.55 35.01
N LYS A 28 5.72 -25.50 35.84
CA LYS A 28 5.74 -25.33 37.29
C LYS A 28 6.82 -26.22 37.90
N LYS A 29 7.49 -25.70 38.91
CA LYS A 29 8.43 -26.49 39.69
C LYS A 29 7.66 -27.60 40.41
N GLY A 30 7.82 -28.88 40.03
CA GLY A 30 8.68 -29.36 38.96
C GLY A 30 7.97 -30.32 38.03
N ASP A 31 7.34 -29.75 37.00
CA ASP A 31 6.69 -30.55 35.98
C ASP A 31 7.74 -31.25 35.13
N PRO A 32 7.35 -32.28 34.38
CA PRO A 32 8.28 -32.89 33.43
C PRO A 32 8.69 -31.92 32.35
N PHE A 33 9.96 -31.96 31.96
CA PHE A 33 10.44 -31.14 30.87
C PHE A 33 9.83 -31.62 29.55
N ASN A 34 9.54 -30.67 28.67
CA ASN A 34 8.89 -30.99 27.40
C ASN A 34 9.34 -29.97 26.37
N ARG A 35 10.07 -30.43 25.35
CA ARG A 35 10.66 -29.51 24.37
C ARG A 35 9.58 -28.89 23.49
N LYS A 36 8.63 -29.70 23.01
CA LYS A 36 7.55 -29.17 22.19
C LYS A 36 6.77 -28.10 22.95
N LYS A 37 6.38 -28.40 24.19
CA LYS A 37 5.69 -27.42 25.01
C LYS A 37 6.55 -26.18 25.25
N LEU A 38 7.85 -26.38 25.46
CA LEU A 38 8.77 -25.25 25.58
C LEU A 38 8.74 -24.39 24.32
N GLU A 39 8.90 -25.02 23.16
CA GLU A 39 8.87 -24.28 21.89
C GLU A 39 7.58 -23.47 21.76
N GLU A 40 6.44 -24.13 21.98
CA GLU A 40 5.15 -23.48 21.76
C GLU A 40 4.97 -22.29 22.69
N ASN A 41 5.13 -22.49 23.99
CA ASN A 41 4.86 -21.44 24.96
C ASN A 41 5.98 -20.40 25.05
N LEU A 42 7.06 -20.59 24.31
CA LEU A 42 8.12 -19.60 24.20
C LEU A 42 8.01 -18.79 22.92
N TYR A 43 7.63 -19.42 21.82
CA TYR A 43 7.64 -18.80 20.49
C TYR A 43 6.25 -18.55 19.92
N GLY A 44 5.26 -19.36 20.26
CA GLY A 44 3.94 -19.21 19.69
C GLY A 44 3.06 -20.43 19.88
N ASN A 45 2.09 -20.33 20.78
CA ASN A 45 1.08 -21.38 20.94
C ASN A 45 -0.21 -20.95 20.25
N LYS A 46 -1.16 -21.88 20.21
CA LYS A 46 -2.40 -21.64 19.47
C LYS A 46 -3.30 -20.62 20.14
N ARG A 47 -3.01 -20.21 21.37
CA ARG A 47 -3.87 -19.34 22.14
C ARG A 47 -3.29 -17.96 22.33
N SER A 48 -2.12 -17.68 21.75
CA SER A 48 -1.49 -16.36 21.81
C SER A 48 -1.20 -15.95 23.25
N THR A 49 -0.89 -16.92 24.11
CA THR A 49 -0.53 -16.68 25.49
C THR A 49 0.94 -16.96 25.77
N ASP A 50 1.70 -17.35 24.74
CA ASP A 50 3.12 -17.64 24.90
C ASP A 50 3.90 -16.36 25.22
N VAL A 51 5.16 -16.54 25.63
CA VAL A 51 5.99 -15.40 26.01
C VAL A 51 6.13 -14.42 24.84
N SER A 52 6.47 -14.95 23.66
CA SER A 52 6.71 -14.07 22.51
C SER A 52 5.47 -13.26 22.18
N SER A 53 4.28 -13.89 22.23
CA SER A 53 3.05 -13.17 21.91
C SER A 53 2.74 -12.11 22.97
N LEU A 54 3.15 -12.36 24.22
CA LEU A 54 2.99 -11.34 25.25
C LEU A 54 3.68 -10.05 24.86
N TYR A 55 4.87 -10.14 24.27
CA TYR A 55 5.63 -8.96 23.85
C TYR A 55 5.17 -8.46 22.50
N MET A 56 5.04 -9.35 21.52
CA MET A 56 4.76 -8.95 20.15
C MET A 56 3.34 -8.45 19.97
N ASN A 57 2.42 -8.81 20.85
CA ASN A 57 1.09 -8.22 20.83
C ASN A 57 1.05 -6.86 21.51
N ARG A 58 2.19 -6.38 21.99
CA ARG A 58 2.27 -5.08 22.67
C ARG A 58 3.28 -4.16 22.01
N GLY A 59 3.67 -4.46 20.76
CA GLY A 59 4.48 -3.57 19.97
C GLY A 59 5.91 -4.03 19.77
N TYR A 60 6.40 -4.92 20.62
CA TYR A 60 7.81 -5.34 20.58
C TYR A 60 8.00 -6.37 19.46
N MET A 61 7.96 -5.86 18.23
CA MET A 61 8.02 -6.74 17.06
C MET A 61 9.32 -7.51 17.00
N LEU A 62 10.42 -6.92 17.46
CA LEU A 62 11.74 -7.52 17.35
C LEU A 62 12.13 -8.30 18.59
N PHE A 63 11.17 -8.61 19.47
CA PHE A 63 11.46 -9.40 20.65
C PHE A 63 12.02 -10.76 20.25
N ARG A 64 13.10 -11.17 20.93
CA ARG A 64 13.69 -12.48 20.71
C ARG A 64 14.16 -13.03 22.05
N ALA A 65 13.83 -14.29 22.32
CA ALA A 65 14.26 -14.97 23.54
C ALA A 65 15.14 -16.16 23.15
N GLU A 66 16.34 -16.21 23.73
CA GLU A 66 17.28 -17.28 23.49
C GLU A 66 17.33 -18.20 24.71
N PRO A 67 16.95 -19.47 24.59
CA PRO A 67 16.96 -20.35 25.76
C PRO A 67 18.27 -21.10 25.93
N THR A 68 18.65 -21.30 27.19
CA THR A 68 19.75 -22.20 27.54
C THR A 68 19.24 -23.18 28.58
N ILE A 69 19.53 -24.47 28.36
CA ILE A 69 19.05 -25.55 29.22
C ILE A 69 20.22 -26.05 30.03
N ARG A 70 20.02 -26.20 31.35
CA ARG A 70 21.05 -26.67 32.25
C ARG A 70 20.55 -27.83 33.09
N VAL A 71 21.29 -28.94 33.03
CA VAL A 71 21.09 -30.05 33.96
C VAL A 71 21.90 -29.74 35.22
N VAL A 72 21.20 -29.49 36.33
CA VAL A 72 21.86 -29.11 37.57
C VAL A 72 21.89 -30.31 38.51
N GLY A 73 22.32 -31.46 37.99
CA GLY A 73 22.49 -32.64 38.81
C GLY A 73 21.29 -33.58 38.77
N GLY A 74 21.55 -34.83 38.44
CA GLY A 74 20.50 -35.84 38.47
C GLY A 74 19.37 -35.51 37.52
N ASP A 75 18.15 -35.38 38.08
CA ASP A 75 16.95 -35.16 37.30
C ASP A 75 16.62 -33.69 37.08
N SER A 76 17.34 -32.78 37.72
CA SER A 76 16.92 -31.38 37.78
C SER A 76 17.27 -30.64 36.50
N LEU A 77 16.39 -29.71 36.12
CA LEU A 77 16.48 -29.01 34.84
C LEU A 77 16.25 -27.53 35.10
N ASP A 78 17.24 -26.70 34.79
CA ASP A 78 17.12 -25.25 34.88
C ASP A 78 16.96 -24.66 33.48
N LEU A 79 16.01 -23.73 33.35
CA LEU A 79 15.80 -22.99 32.12
C LEU A 79 16.24 -21.55 32.31
N HIS A 80 17.12 -21.08 31.43
CA HIS A 80 17.57 -19.70 31.43
C HIS A 80 17.29 -19.10 30.06
N PHE A 81 16.65 -17.93 30.05
CA PHE A 81 16.27 -17.24 28.82
C PHE A 81 16.89 -15.86 28.83
N ASP A 82 17.73 -15.59 27.83
CA ASP A 82 18.24 -14.25 27.59
C ASP A 82 17.28 -13.54 26.63
N VAL A 83 16.77 -12.39 27.06
CA VAL A 83 15.65 -11.72 26.39
C VAL A 83 16.17 -10.44 25.75
N TYR A 84 15.85 -10.26 24.47
CA TYR A 84 16.00 -8.98 23.79
C TYR A 84 14.60 -8.43 23.53
N GLU A 85 14.31 -7.25 24.08
CA GLU A 85 12.99 -6.66 23.96
C GLU A 85 12.88 -5.77 22.72
N GLY A 86 13.83 -4.86 22.54
CA GLY A 86 13.80 -3.97 21.41
C GLY A 86 12.79 -2.85 21.59
N ASP A 87 12.62 -2.07 20.52
CA ASP A 87 11.75 -0.91 20.53
C ASP A 87 10.28 -1.31 20.46
N VAL A 88 9.42 -0.38 20.85
CA VAL A 88 7.99 -0.51 20.64
C VAL A 88 7.67 0.03 19.26
N PHE A 89 6.95 -0.75 18.46
CA PHE A 89 6.57 -0.36 17.11
C PHE A 89 5.09 -0.07 17.04
N GLU A 90 4.74 0.82 16.11
CA GLU A 90 3.35 1.11 15.76
C GLU A 90 3.11 0.72 14.32
N PHE A 91 1.88 0.38 13.98
CA PHE A 91 1.53 0.20 12.59
C PHE A 91 1.60 1.55 11.88
N GLY A 92 2.23 1.56 10.71
CA GLY A 92 2.26 2.74 9.89
C GLY A 92 1.17 2.70 8.84
N THR A 93 1.56 2.60 7.58
CA THR A 93 0.60 2.53 6.49
C THR A 93 0.05 1.11 6.34
N ILE A 94 -1.26 1.01 6.18
CA ILE A 94 -1.94 -0.27 5.91
C ILE A 94 -2.56 -0.15 4.53
N ASN A 95 -1.96 -0.84 3.55
CA ASN A 95 -2.43 -0.77 2.17
C ASN A 95 -3.06 -2.09 1.74
N ILE A 96 -3.88 -2.00 0.70
CA ILE A 96 -4.61 -3.14 0.15
C ILE A 96 -4.38 -3.18 -1.34
N VAL A 97 -4.03 -4.36 -1.86
CA VAL A 97 -3.71 -4.51 -3.27
C VAL A 97 -4.29 -5.82 -3.78
N GLY A 98 -4.38 -5.94 -5.11
CA GLY A 98 -4.88 -7.13 -5.74
C GLY A 98 -6.38 -7.17 -5.93
N ASN A 99 -7.11 -6.23 -5.36
CA ASN A 99 -8.58 -6.21 -5.44
C ASN A 99 -8.99 -5.53 -6.74
N GLN A 100 -9.20 -6.33 -7.78
CA GLN A 100 -9.65 -5.81 -9.06
C GLN A 100 -11.16 -5.78 -9.18
N LYS A 101 -11.87 -6.58 -8.37
CA LYS A 101 -13.32 -6.62 -8.40
C LYS A 101 -13.96 -6.32 -7.05
N THR A 102 -13.19 -6.35 -5.96
CA THR A 102 -13.70 -6.10 -4.63
C THR A 102 -13.32 -4.71 -4.16
N LYS A 103 -14.27 -4.01 -3.56
CA LYS A 103 -14.01 -2.66 -3.06
C LYS A 103 -13.01 -2.70 -1.91
N GLU A 104 -12.13 -1.70 -1.86
CA GLU A 104 -11.12 -1.65 -0.82
C GLU A 104 -11.74 -1.70 0.57
N HIS A 105 -12.80 -0.93 0.80
CA HIS A 105 -13.35 -0.82 2.15
C HIS A 105 -13.92 -2.13 2.66
N VAL A 106 -14.30 -3.05 1.77
CA VAL A 106 -14.75 -4.36 2.22
C VAL A 106 -13.60 -5.13 2.87
N ILE A 107 -12.39 -4.93 2.36
CA ILE A 107 -11.23 -5.60 2.90
C ILE A 107 -10.72 -4.87 4.14
N ARG A 108 -10.67 -3.54 4.08
CA ARG A 108 -10.13 -2.76 5.19
C ARG A 108 -10.99 -2.90 6.44
N ARG A 109 -12.32 -2.96 6.26
CA ARG A 109 -13.24 -3.10 7.38
C ARG A 109 -12.92 -4.32 8.23
N GLU A 110 -12.33 -5.35 7.64
CA GLU A 110 -12.11 -6.62 8.31
C GLU A 110 -10.77 -6.70 9.01
N LEU A 111 -9.95 -5.65 8.94
CA LEU A 111 -8.59 -5.70 9.47
C LEU A 111 -8.56 -5.28 10.93
N TYR A 112 -7.82 -6.04 11.74
CA TYR A 112 -7.53 -5.64 13.11
C TYR A 112 -6.29 -4.78 13.21
N THR A 113 -5.45 -4.78 12.18
CA THR A 113 -4.27 -3.94 12.13
C THR A 113 -4.66 -2.55 11.67
N ILE A 114 -4.48 -1.56 12.52
CA ILE A 114 -5.03 -0.22 12.34
C ILE A 114 -3.88 0.77 12.37
N PRO A 115 -3.75 1.67 11.39
CA PRO A 115 -2.63 2.61 11.39
C PRO A 115 -2.56 3.40 12.68
N GLY A 116 -1.34 3.68 13.13
CA GLY A 116 -1.11 4.43 14.34
C GLY A 116 -1.31 3.67 15.63
N GLN A 117 -1.81 2.44 15.57
CA GLN A 117 -1.97 1.63 16.77
C GLN A 117 -0.72 0.80 17.02
N THR A 118 -0.50 0.45 18.29
CA THR A 118 0.62 -0.38 18.67
C THR A 118 0.64 -1.67 17.86
N PHE A 119 1.81 -2.00 17.32
CA PHE A 119 1.96 -3.22 16.55
C PHE A 119 1.48 -4.42 17.36
N SER A 120 0.85 -5.38 16.67
CA SER A 120 0.41 -6.62 17.30
C SER A 120 0.53 -7.75 16.31
N ARG A 121 1.28 -8.79 16.68
CA ARG A 121 1.46 -9.94 15.80
C ARG A 121 0.13 -10.65 15.53
N ASP A 122 -0.65 -10.90 16.57
CA ASP A 122 -1.88 -11.66 16.35
C ASP A 122 -3.00 -10.79 15.79
N ALA A 123 -2.85 -9.47 15.81
CA ALA A 123 -3.74 -8.63 15.01
C ALA A 123 -3.57 -8.93 13.53
N ILE A 124 -2.32 -9.10 13.08
CA ILE A 124 -2.07 -9.55 11.72
C ILE A 124 -2.70 -10.92 11.49
N GLN A 125 -2.38 -11.89 12.35
CA GLN A 125 -2.85 -13.25 12.17
C GLN A 125 -4.37 -13.31 12.14
N GLU A 126 -5.03 -12.57 13.03
CA GLU A 126 -6.49 -12.59 13.06
C GLU A 126 -7.09 -11.86 11.86
N SER A 127 -6.43 -10.82 11.35
CA SER A 127 -6.89 -10.18 10.13
C SER A 127 -6.85 -11.16 8.96
N ILE A 128 -5.79 -11.95 8.87
CA ILE A 128 -5.68 -12.96 7.82
C ILE A 128 -6.85 -13.93 7.89
N ARG A 129 -7.20 -14.39 9.09
CA ARG A 129 -8.26 -15.37 9.24
C ARG A 129 -9.62 -14.77 8.87
N ARG A 130 -9.84 -13.50 9.19
CA ARG A 130 -11.09 -12.85 8.81
C ARG A 130 -11.23 -12.81 7.30
N LEU A 131 -10.19 -12.32 6.60
CA LEU A 131 -10.24 -12.28 5.15
C LEU A 131 -10.48 -13.67 4.57
N ALA A 132 -9.83 -14.69 5.13
CA ALA A 132 -10.06 -16.05 4.68
C ALA A 132 -11.51 -16.47 4.86
N GLN A 133 -12.18 -15.95 5.89
CA GLN A 133 -13.56 -16.33 6.18
C GLN A 133 -14.56 -15.66 5.27
N LEU A 134 -14.17 -14.59 4.57
CA LEU A 134 -15.04 -14.00 3.57
C LEU A 134 -15.23 -14.95 2.39
N ASN A 135 -14.25 -15.81 2.13
CA ASN A 135 -14.28 -16.75 1.01
C ASN A 135 -14.22 -16.04 -0.34
N TYR A 136 -13.71 -14.79 -0.37
CA TYR A 136 -13.47 -14.08 -1.62
C TYR A 136 -12.16 -14.45 -2.27
N PHE A 137 -11.17 -14.84 -1.49
CA PHE A 137 -9.79 -14.85 -1.94
C PHE A 137 -9.17 -16.22 -1.76
N ASN A 138 -8.10 -16.44 -2.52
CA ASN A 138 -7.31 -17.66 -2.38
C ASN A 138 -6.69 -17.73 -0.99
N GLN A 139 -6.96 -18.82 -0.28
CA GLN A 139 -6.56 -18.90 1.12
C GLN A 139 -5.08 -19.19 1.27
N GLU A 140 -4.50 -20.01 0.37
CA GLU A 140 -3.07 -20.28 0.44
C GLU A 140 -2.25 -19.01 0.22
N ALA A 141 -2.68 -18.16 -0.72
CA ALA A 141 -1.98 -16.90 -0.93
C ALA A 141 -2.19 -15.96 0.26
N LEU A 142 -3.40 -15.96 0.82
CA LEU A 142 -3.67 -15.18 2.02
C LEU A 142 -2.77 -15.60 3.16
N ALA A 143 -2.53 -16.91 3.30
CA ALA A 143 -1.70 -17.42 4.39
C ALA A 143 -0.24 -16.98 4.26
N ALA A 144 0.18 -16.54 3.07
CA ALA A 144 1.55 -16.10 2.88
C ALA A 144 1.77 -14.69 3.41
N GLY A 145 1.02 -13.73 2.91
CA GLY A 145 1.17 -12.34 3.29
C GLY A 145 0.71 -12.06 4.71
N PRO A 146 0.58 -10.77 5.07
CA PRO A 146 0.81 -9.61 4.21
C PRO A 146 2.28 -9.28 3.98
N GLU A 147 2.54 -8.45 2.97
CA GLU A 147 3.86 -7.86 2.81
C GLU A 147 4.09 -6.87 3.95
N VAL A 148 5.25 -6.98 4.58
CA VAL A 148 5.59 -6.17 5.75
C VAL A 148 6.81 -5.32 5.41
N GLN A 149 6.83 -4.09 5.91
CA GLN A 149 8.00 -3.23 5.84
C GLN A 149 8.29 -2.68 7.23
N ILE A 150 9.43 -3.05 7.78
CA ILE A 150 9.84 -2.61 9.11
C ILE A 150 10.73 -1.38 8.96
N ASN A 151 10.32 -0.29 9.61
CA ASN A 151 11.06 0.97 9.58
C ASN A 151 11.67 1.19 10.96
N PRO A 152 12.90 0.73 11.21
CA PRO A 152 13.44 0.79 12.58
C PRO A 152 13.62 2.22 13.06
N GLU A 153 14.16 3.10 12.21
CA GLU A 153 14.36 4.49 12.59
C GLU A 153 13.04 5.13 12.99
N LYS A 154 12.00 4.90 12.20
CA LYS A 154 10.69 5.49 12.44
C LYS A 154 9.85 4.67 13.40
N LYS A 155 10.31 3.48 13.76
CA LYS A 155 9.61 2.62 14.72
C LYS A 155 8.18 2.35 14.26
N THR A 156 8.02 2.12 12.96
CA THR A 156 6.73 1.80 12.38
C THR A 156 6.84 0.54 11.53
N VAL A 157 5.71 -0.14 11.38
CA VAL A 157 5.60 -1.33 10.56
C VAL A 157 4.48 -1.09 9.57
N ASP A 158 4.82 -0.99 8.28
CA ASP A 158 3.82 -0.84 7.23
C ASP A 158 3.40 -2.21 6.73
N LEU A 159 2.14 -2.31 6.30
CA LEU A 159 1.56 -3.56 5.85
C LEU A 159 0.89 -3.36 4.51
N THR A 160 1.01 -4.37 3.64
CA THR A 160 0.25 -4.44 2.40
C THR A 160 -0.39 -5.82 2.30
N TYR A 161 -1.71 -5.88 2.39
CA TYR A 161 -2.46 -7.11 2.19
C TYR A 161 -2.72 -7.27 0.70
N LYS A 162 -2.08 -8.26 0.08
CA LYS A 162 -2.37 -8.60 -1.30
C LYS A 162 -3.45 -9.68 -1.32
N VAL A 163 -4.53 -9.42 -2.04
CA VAL A 163 -5.62 -10.38 -2.17
C VAL A 163 -5.59 -10.95 -3.59
N GLU A 164 -5.96 -12.21 -3.70
CA GLU A 164 -6.12 -12.88 -4.99
C GLU A 164 -7.57 -13.34 -5.08
N GLU A 165 -8.34 -12.68 -5.93
CA GLU A 165 -9.76 -12.97 -6.05
C GLU A 165 -9.98 -14.22 -6.87
N VAL A 166 -10.95 -15.02 -6.45
CA VAL A 166 -11.31 -16.23 -7.15
C VAL A 166 -12.53 -15.94 -8.02
N GLY A 167 -12.89 -16.91 -8.84
CA GLY A 167 -14.04 -16.80 -9.71
C GLY A 167 -13.78 -17.64 -10.93
N ARG A 196 -10.57 -9.50 -50.96
CA ARG A 196 -10.14 -8.84 -49.73
C ARG A 196 -8.99 -7.87 -50.00
N HIS A 197 -7.86 -8.38 -50.48
CA HIS A 197 -6.72 -7.51 -50.74
C HIS A 197 -5.71 -8.22 -51.64
N SER A 198 -5.01 -7.42 -52.44
CA SER A 198 -3.98 -7.92 -53.35
C SER A 198 -2.67 -7.15 -53.24
N SER A 199 -2.59 -6.16 -52.36
CA SER A 199 -1.38 -5.38 -52.17
C SER A 199 -1.44 -4.72 -50.80
N PRO A 200 -0.28 -4.37 -50.22
CA PRO A 200 -0.31 -3.74 -48.90
C PRO A 200 -1.03 -2.39 -48.89
N GLN A 201 -0.82 -1.57 -49.94
CA GLN A 201 -1.51 -0.29 -49.99
C GLN A 201 -3.03 -0.47 -50.02
N GLU A 202 -3.51 -1.45 -50.77
CA GLU A 202 -4.94 -1.72 -50.79
C GLU A 202 -5.44 -2.08 -49.39
N ALA A 203 -4.75 -3.02 -48.73
CA ALA A 203 -5.16 -3.41 -47.38
C ALA A 203 -5.15 -2.21 -46.43
N PHE A 204 -4.14 -1.35 -46.55
CA PHE A 204 -4.08 -0.16 -45.70
C PHE A 204 -5.24 0.79 -45.99
N GLU A 205 -5.59 0.95 -47.28
CA GLU A 205 -6.65 1.88 -47.64
C GLU A 205 -8.02 1.36 -47.22
N ARG A 206 -8.26 0.05 -47.36
CA ARG A 206 -9.51 -0.51 -46.87
C ARG A 206 -9.63 -0.41 -45.36
N ALA A 207 -8.50 -0.53 -44.65
CA ALA A 207 -8.52 -0.38 -43.20
C ALA A 207 -8.89 1.04 -42.80
N MET A 208 -8.24 2.04 -43.42
CA MET A 208 -8.55 3.44 -43.11
C MET A 208 -10.01 3.76 -43.40
N GLU A 209 -10.58 3.16 -44.45
CA GLU A 209 -12.00 3.35 -44.71
C GLU A 209 -12.84 2.85 -43.54
N PHE A 210 -12.59 1.62 -43.09
CA PHE A 210 -13.28 1.10 -41.92
C PHE A 210 -13.00 1.96 -40.70
N TYR A 211 -11.74 2.38 -40.52
CA TYR A 211 -11.36 3.14 -39.34
C TYR A 211 -12.15 4.44 -39.26
N ASN A 212 -12.27 5.16 -40.37
CA ASN A 212 -12.96 6.44 -40.37
C ASN A 212 -14.48 6.29 -40.27
N GLN A 213 -15.01 5.08 -40.45
CA GLN A 213 -16.43 4.82 -40.27
C GLN A 213 -16.77 4.31 -38.88
N GLY A 214 -15.76 4.08 -38.03
CA GLY A 214 -16.00 3.53 -36.72
C GLY A 214 -16.08 2.02 -36.68
N LYS A 215 -15.83 1.34 -37.79
CA LYS A 215 -15.77 -0.13 -37.82
C LYS A 215 -14.36 -0.57 -37.43
N TYR A 216 -14.04 -0.37 -36.15
CA TYR A 216 -12.69 -0.59 -35.68
C TYR A 216 -12.30 -2.06 -35.74
N ASP A 217 -13.25 -2.95 -35.44
CA ASP A 217 -12.97 -4.38 -35.55
C ASP A 217 -12.58 -4.76 -36.97
N ARG A 218 -13.31 -4.22 -37.96
CA ARG A 218 -12.98 -4.53 -39.36
C ARG A 218 -11.67 -3.87 -39.76
N ALA A 219 -11.43 -2.63 -39.32
CA ALA A 219 -10.18 -1.96 -39.63
C ALA A 219 -8.99 -2.74 -39.08
N ILE A 220 -9.11 -3.23 -37.85
CA ILE A 220 -8.03 -4.03 -37.23
C ILE A 220 -7.64 -5.17 -38.15
N GLU A 221 -8.63 -5.92 -38.66
CA GLU A 221 -8.36 -7.05 -39.54
C GLU A 221 -7.49 -6.64 -40.73
N TYR A 222 -7.82 -5.51 -41.36
CA TYR A 222 -7.13 -5.10 -42.58
C TYR A 222 -5.80 -4.44 -42.28
N PHE A 223 -5.65 -3.80 -41.11
CA PHE A 223 -4.34 -3.29 -40.73
C PHE A 223 -3.36 -4.44 -40.51
N LYS A 224 -3.84 -5.54 -39.91
CA LYS A 224 -2.99 -6.72 -39.78
C LYS A 224 -2.66 -7.32 -41.14
N ALA A 225 -3.60 -7.23 -42.09
CA ALA A 225 -3.38 -7.81 -43.41
C ALA A 225 -2.27 -7.09 -44.16
N VAL A 226 -2.03 -5.82 -43.84
CA VAL A 226 -0.94 -5.08 -44.48
C VAL A 226 0.37 -5.83 -44.32
N PHE A 227 0.56 -6.47 -43.17
CA PHE A 227 1.82 -7.12 -42.86
C PHE A 227 1.94 -8.52 -43.43
N THR A 228 0.90 -9.05 -44.08
CA THR A 228 1.07 -10.26 -44.88
C THR A 228 1.98 -10.03 -46.07
N TYR A 229 2.28 -8.77 -46.39
CA TYR A 229 3.21 -8.39 -47.45
C TYR A 229 4.56 -7.97 -46.89
N GLY A 230 4.84 -8.29 -45.62
CA GLY A 230 6.06 -7.86 -44.97
C GLY A 230 5.82 -6.65 -44.08
N ARG A 231 6.89 -6.25 -43.38
CA ARG A 231 6.78 -5.16 -42.41
C ARG A 231 7.84 -4.08 -42.63
N THR A 232 8.42 -4.01 -43.82
CA THR A 232 9.40 -2.98 -44.15
C THR A 232 9.03 -2.16 -45.38
N HIS A 233 7.87 -2.43 -46.00
CA HIS A 233 7.43 -1.67 -47.15
C HIS A 233 6.92 -0.29 -46.71
N GLU A 234 6.48 0.51 -47.70
CA GLU A 234 6.18 1.91 -47.47
C GLU A 234 5.02 2.13 -46.52
N TRP A 235 4.13 1.16 -46.37
CA TRP A 235 2.92 1.33 -45.59
C TRP A 235 2.97 0.58 -44.26
N ALA A 236 4.10 -0.04 -43.93
CA ALA A 236 4.18 -0.84 -42.71
C ALA A 236 4.08 0.03 -41.46
N ALA A 237 4.83 1.14 -41.42
CA ALA A 237 4.82 1.98 -40.23
C ALA A 237 3.45 2.61 -40.00
N ASP A 238 2.82 3.11 -41.06
CA ASP A 238 1.47 3.64 -40.91
C ASP A 238 0.51 2.58 -40.40
N ALA A 239 0.57 1.38 -41.00
CA ALA A 239 -0.35 0.30 -40.60
C ALA A 239 -0.15 -0.07 -39.14
N GLN A 240 1.10 -0.11 -38.68
CA GLN A 240 1.36 -0.43 -37.28
C GLN A 240 0.83 0.67 -36.37
N PHE A 241 1.03 1.93 -36.76
CA PHE A 241 0.62 3.05 -35.94
C PHE A 241 -0.90 3.11 -35.81
N TYR A 242 -1.62 2.92 -36.91
CA TYR A 242 -3.07 2.95 -36.88
C TYR A 242 -3.70 1.65 -36.41
N LEU A 243 -2.98 0.52 -36.50
CA LEU A 243 -3.47 -0.69 -35.84
C LEU A 243 -3.63 -0.44 -34.34
N ALA A 244 -2.66 0.23 -33.73
CA ALA A 244 -2.75 0.56 -32.32
C ALA A 244 -3.92 1.49 -32.04
N ARG A 245 -4.04 2.56 -32.84
CA ARG A 245 -5.15 3.49 -32.65
C ARG A 245 -6.49 2.79 -32.82
N ALA A 246 -6.59 1.87 -33.78
CA ALA A 246 -7.83 1.14 -33.99
C ALA A 246 -8.18 0.29 -32.76
N TYR A 247 -7.19 -0.42 -32.21
CA TYR A 247 -7.41 -1.15 -30.96
C TYR A 247 -7.87 -0.21 -29.87
N TYR A 248 -7.23 0.95 -29.76
CA TYR A 248 -7.59 1.93 -28.74
C TYR A 248 -9.04 2.38 -28.92
N GLN A 249 -9.42 2.80 -30.12
CA GLN A 249 -10.80 3.21 -30.36
C GLN A 249 -11.78 2.08 -30.12
N ASN A 250 -11.37 0.84 -30.41
CA ASN A 250 -12.19 -0.31 -30.11
C ASN A 250 -12.21 -0.63 -28.61
N LYS A 251 -11.53 0.16 -27.79
CA LYS A 251 -11.48 -0.04 -26.34
C LYS A 251 -10.76 -1.32 -25.96
N GLU A 252 -9.78 -1.74 -26.76
CA GLU A 252 -8.89 -2.85 -26.43
C GLU A 252 -7.54 -2.23 -26.06
N TYR A 253 -7.47 -1.71 -24.84
CA TYR A 253 -6.37 -0.82 -24.48
C TYR A 253 -5.06 -1.58 -24.28
N LEU A 254 -5.11 -2.79 -23.73
CA LEU A 254 -3.88 -3.54 -23.53
C LEU A 254 -3.29 -4.01 -24.85
N LEU A 255 -4.16 -4.40 -25.80
CA LEU A 255 -3.67 -4.77 -27.12
C LEU A 255 -3.15 -3.55 -27.86
N ALA A 256 -3.84 -2.41 -27.73
CA ALA A 256 -3.34 -1.17 -28.31
C ALA A 256 -1.97 -0.83 -27.75
N ALA A 257 -1.82 -0.90 -26.43
CA ALA A 257 -0.54 -0.60 -25.80
C ALA A 257 0.58 -1.46 -26.37
N SER A 258 0.31 -2.75 -26.58
CA SER A 258 1.33 -3.64 -27.13
C SER A 258 1.72 -3.23 -28.54
N GLU A 259 0.74 -2.81 -29.35
CA GLU A 259 1.04 -2.39 -30.72
C GLU A 259 1.74 -1.04 -30.76
N TYR A 260 1.44 -0.16 -29.80
CA TYR A 260 2.20 1.08 -29.68
C TYR A 260 3.65 0.78 -29.33
N GLU A 261 3.87 -0.13 -28.38
CA GLU A 261 5.24 -0.51 -28.03
C GLU A 261 5.96 -1.12 -29.23
N ARG A 262 5.26 -1.96 -29.99
CA ARG A 262 5.85 -2.53 -31.20
C ARG A 262 6.26 -1.43 -32.17
N PHE A 263 5.39 -0.44 -32.39
CA PHE A 263 5.73 0.67 -33.27
C PHE A 263 6.98 1.38 -32.79
N ILE A 264 7.06 1.64 -31.48
CA ILE A 264 8.16 2.42 -30.93
C ILE A 264 9.49 1.71 -31.12
N GLN A 265 9.50 0.39 -30.93
CA GLN A 265 10.75 -0.37 -30.97
C GLN A 265 11.15 -0.78 -32.37
N ILE A 266 10.21 -0.83 -33.31
CA ILE A 266 10.49 -1.27 -34.68
C ILE A 266 10.74 -0.10 -35.61
N TYR A 267 9.94 0.96 -35.51
CA TYR A 267 10.09 2.13 -36.36
C TYR A 267 10.67 3.28 -35.53
N GLN A 268 11.90 3.06 -35.06
CA GLN A 268 12.43 3.85 -33.94
C GLN A 268 12.64 5.31 -34.27
N ILE A 269 12.90 5.65 -35.53
CA ILE A 269 13.18 7.03 -35.93
C ILE A 269 12.00 7.64 -36.69
N ASP A 270 10.88 6.94 -36.80
CA ASP A 270 9.70 7.54 -37.38
C ASP A 270 9.29 8.75 -36.56
N PRO A 271 8.89 9.86 -37.20
CA PRO A 271 8.60 11.07 -36.42
C PRO A 271 7.46 10.93 -35.44
N ARG A 272 6.64 9.89 -35.55
CA ARG A 272 5.49 9.72 -34.67
C ARG A 272 5.80 8.88 -33.44
N VAL A 273 7.06 8.53 -33.22
CA VAL A 273 7.42 7.74 -32.04
C VAL A 273 7.01 8.45 -30.76
N PRO A 274 7.29 9.75 -30.57
CA PRO A 274 6.80 10.43 -29.36
C PRO A 274 5.29 10.37 -29.21
N GLN A 275 4.55 10.61 -30.29
CA GLN A 275 3.09 10.51 -30.24
C GLN A 275 2.66 9.12 -29.81
N ALA A 276 3.32 8.08 -30.33
CA ALA A 276 2.97 6.73 -29.94
C ALA A 276 3.18 6.50 -28.45
N GLU A 277 4.26 7.06 -27.89
CA GLU A 277 4.50 6.90 -26.46
C GLU A 277 3.41 7.59 -25.64
N TYR A 278 2.96 8.77 -26.10
CA TYR A 278 1.85 9.44 -25.43
C TYR A 278 0.58 8.60 -25.52
N GLU A 279 0.29 8.06 -26.70
CA GLU A 279 -0.95 7.31 -26.89
C GLU A 279 -0.88 5.96 -26.19
N ARG A 280 0.32 5.41 -26.01
CA ARG A 280 0.46 4.22 -25.18
C ARG A 280 0.11 4.52 -23.73
N ALA A 281 0.57 5.66 -23.21
CA ALA A 281 0.19 6.07 -21.86
C ALA A 281 -1.32 6.25 -21.75
N MET A 282 -1.95 6.81 -22.80
CA MET A 282 -3.40 6.98 -22.79
C MET A 282 -4.12 5.65 -22.65
N CYS A 283 -3.55 4.57 -23.18
CA CYS A 283 -4.17 3.25 -22.99
C CYS A 283 -4.31 2.93 -21.51
N TYR A 284 -3.24 3.14 -20.74
CA TYR A 284 -3.29 2.89 -19.31
C TYR A 284 -4.14 3.93 -18.60
N TYR A 285 -4.18 5.16 -19.12
CA TYR A 285 -5.09 6.16 -18.59
C TYR A 285 -6.53 5.68 -18.66
N LYS A 286 -6.91 5.06 -19.77
CA LYS A 286 -8.26 4.54 -19.93
C LYS A 286 -8.48 3.26 -19.13
N LEU A 287 -7.41 2.53 -18.81
CA LEU A 287 -7.52 1.34 -17.97
C LEU A 287 -7.55 1.67 -16.49
N SER A 288 -7.04 2.85 -16.11
CA SER A 288 -6.97 3.25 -14.71
C SER A 288 -8.34 3.14 -14.04
N PRO A 289 -8.49 2.31 -13.02
CA PRO A 289 -9.83 2.05 -12.49
C PRO A 289 -10.21 3.00 -11.37
N PRO A 290 -11.47 2.99 -10.96
CA PRO A 290 -11.90 3.84 -9.84
C PRO A 290 -11.10 3.57 -8.57
N TYR A 291 -11.07 4.57 -7.69
CA TYR A 291 -10.14 4.56 -6.56
C TYR A 291 -10.38 3.38 -5.62
N GLU A 292 -11.61 2.86 -5.56
CA GLU A 292 -11.90 1.75 -4.66
C GLU A 292 -11.14 0.49 -5.04
N LEU A 293 -10.63 0.40 -6.26
CA LEU A 293 -10.01 -0.81 -6.77
C LEU A 293 -8.49 -0.67 -6.86
N ASP A 294 -7.84 -1.81 -7.04
CA ASP A 294 -6.38 -1.84 -7.22
C ASP A 294 -5.95 -0.85 -8.29
N GLN A 295 -4.82 -0.18 -8.04
CA GLN A 295 -4.39 0.96 -8.84
C GLN A 295 -3.14 0.67 -9.66
N THR A 296 -2.92 -0.59 -10.03
CA THR A 296 -1.72 -0.95 -10.80
C THR A 296 -1.65 -0.16 -12.10
N ASP A 297 -2.73 -0.13 -12.86
CA ASP A 297 -2.71 0.54 -14.15
C ASP A 297 -2.64 2.05 -14.00
N THR A 298 -3.17 2.59 -12.90
CA THR A 298 -2.99 4.01 -12.61
C THR A 298 -1.52 4.34 -12.45
N ARG A 299 -0.78 3.50 -11.70
CA ARG A 299 0.65 3.71 -11.56
C ARG A 299 1.38 3.52 -12.88
N LYS A 300 0.93 2.56 -13.69
CA LYS A 300 1.54 2.35 -15.00
C LYS A 300 1.26 3.51 -15.95
N ALA A 301 0.08 4.12 -15.82
CA ALA A 301 -0.24 5.29 -16.63
C ALA A 301 0.69 6.45 -16.30
N ILE A 302 0.91 6.71 -15.02
CA ILE A 302 1.80 7.78 -14.60
C ILE A 302 3.21 7.55 -15.11
N GLU A 303 3.72 6.33 -14.94
CA GLU A 303 5.07 6.03 -15.41
C GLU A 303 5.19 6.20 -16.91
N ALA A 304 4.15 5.81 -17.67
CA ALA A 304 4.20 5.93 -19.11
C ALA A 304 4.19 7.38 -19.56
N PHE A 305 3.37 8.22 -18.90
CA PHE A 305 3.35 9.65 -19.24
C PHE A 305 4.67 10.30 -18.85
N GLN A 306 5.18 9.99 -17.66
CA GLN A 306 6.44 10.56 -17.20
C GLN A 306 7.57 10.17 -18.14
N LEU A 307 7.56 8.94 -18.63
CA LEU A 307 8.58 8.48 -19.57
C LEU A 307 8.51 9.27 -20.87
N PHE A 308 7.29 9.47 -21.39
CA PHE A 308 7.11 10.30 -22.58
C PHE A 308 7.64 11.71 -22.36
N ILE A 309 7.35 12.30 -21.21
CA ILE A 309 7.81 13.66 -20.92
C ILE A 309 9.32 13.69 -20.79
N ASP A 310 9.89 12.71 -20.09
CA ASP A 310 11.34 12.70 -19.85
C ASP A 310 12.11 12.58 -21.17
N ARG A 311 11.59 11.78 -22.10
CA ARG A 311 12.31 11.55 -23.36
C ARG A 311 12.06 12.66 -24.36
N TYR A 312 10.88 13.27 -24.36
CA TYR A 312 10.50 14.28 -25.35
C TYR A 312 9.93 15.50 -24.64
N PRO A 313 10.75 16.17 -23.82
CA PRO A 313 10.25 17.32 -23.05
C PRO A 313 9.79 18.48 -23.91
N ASN A 314 10.19 18.54 -25.17
CA ASN A 314 9.77 19.63 -26.06
C ASN A 314 8.53 19.29 -26.87
N HIS A 315 7.93 18.13 -26.66
CA HIS A 315 6.80 17.73 -27.49
C HIS A 315 5.55 18.54 -27.16
N GLU A 316 4.66 18.65 -28.16
CA GLU A 316 3.46 19.45 -28.00
C GLU A 316 2.59 18.95 -26.86
N LEU A 317 2.48 17.64 -26.71
CA LEU A 317 1.53 17.02 -25.80
C LEU A 317 2.05 16.91 -24.37
N VAL A 318 3.20 17.55 -24.08
CA VAL A 318 3.76 17.46 -22.73
C VAL A 318 2.81 18.07 -21.71
N ASP A 319 2.18 19.20 -22.05
CA ASP A 319 1.29 19.86 -21.10
C ASP A 319 0.07 19.01 -20.82
N ASP A 320 -0.52 18.40 -21.84
CA ASP A 320 -1.64 17.49 -21.63
C ASP A 320 -1.20 16.28 -20.81
N ALA A 321 -0.04 15.72 -21.13
CA ALA A 321 0.49 14.61 -20.35
C ALA A 321 0.67 15.01 -18.89
N THR A 322 1.14 16.23 -18.65
CA THR A 322 1.32 16.69 -17.28
C THR A 322 -0.01 16.78 -16.55
N GLN A 323 -1.06 17.26 -17.23
CA GLN A 323 -2.38 17.30 -16.61
C GLN A 323 -2.91 15.90 -16.35
N LYS A 324 -2.62 14.95 -17.26
CA LYS A 324 -3.05 13.57 -17.04
C LYS A 324 -2.37 12.98 -15.80
N ILE A 325 -1.08 13.26 -15.63
CA ILE A 325 -0.37 12.78 -14.46
C ILE A 325 -0.99 13.35 -13.19
N ARG A 326 -1.36 14.63 -13.22
CA ARG A 326 -1.95 15.25 -12.03
C ARG A 326 -3.35 14.70 -11.74
N GLU A 327 -4.12 14.36 -12.77
CA GLU A 327 -5.39 13.66 -12.54
C GLU A 327 -5.16 12.32 -11.87
N LEU A 328 -4.17 11.56 -12.34
CA LEU A 328 -3.94 10.22 -11.83
C LEU A 328 -3.39 10.25 -10.40
N ARG A 329 -2.47 11.18 -10.12
CA ARG A 329 -1.98 11.34 -8.75
C ARG A 329 -3.10 11.75 -7.81
N ALA A 330 -4.01 12.61 -8.29
CA ALA A 330 -5.14 13.01 -7.47
C ALA A 330 -6.02 11.83 -7.10
N LYS A 331 -6.13 10.84 -7.99
CA LYS A 331 -6.91 9.65 -7.67
C LYS A 331 -6.19 8.78 -6.64
N LEU A 332 -4.88 8.60 -6.79
CA LEU A 332 -4.10 7.91 -5.77
C LEU A 332 -4.29 8.58 -4.41
N ALA A 333 -4.14 9.91 -4.38
CA ALA A 333 -4.33 10.64 -3.12
C ALA A 333 -5.72 10.43 -2.56
N ARG A 334 -6.75 10.52 -3.41
CA ARG A 334 -8.11 10.36 -2.93
C ARG A 334 -8.33 8.99 -2.31
N LYS A 335 -7.76 7.95 -2.94
CA LYS A 335 -7.89 6.59 -2.41
C LYS A 335 -7.44 6.52 -0.96
N GLN A 336 -6.32 7.17 -0.65
CA GLN A 336 -5.81 7.18 0.70
C GLN A 336 -6.60 8.14 1.59
N TYR A 337 -6.99 9.28 1.03
CA TYR A 337 -7.80 10.25 1.75
C TYR A 337 -9.12 9.63 2.19
N GLU A 338 -9.74 8.81 1.34
CA GLU A 338 -11.00 8.16 1.69
C GLU A 338 -10.79 7.10 2.76
N ALA A 339 -9.63 6.46 2.80
CA ALA A 339 -9.34 5.53 3.88
C ALA A 339 -9.32 6.26 5.22
N ALA A 340 -8.74 7.47 5.24
CA ALA A 340 -8.71 8.29 6.45
C ALA A 340 -10.12 8.67 6.87
N ARG A 341 -10.92 9.17 5.93
CA ARG A 341 -12.31 9.50 6.26
C ARG A 341 -13.00 8.31 6.90
N LEU A 342 -12.73 7.11 6.37
CA LEU A 342 -13.34 5.89 6.88
C LEU A 342 -12.96 5.65 8.33
N TYR A 343 -11.68 5.83 8.67
CA TYR A 343 -11.24 5.66 10.05
C TYR A 343 -11.85 6.72 10.94
N GLU A 344 -11.98 7.94 10.42
CA GLU A 344 -12.55 9.03 11.19
C GLU A 344 -14.01 8.73 11.54
N ARG A 345 -14.78 8.23 10.58
CA ARG A 345 -16.16 7.85 10.86
C ARG A 345 -16.23 6.78 11.95
N ARG A 346 -15.23 5.89 11.99
CA ARG A 346 -15.14 4.90 13.05
C ARG A 346 -14.60 5.47 14.34
N GLU A 347 -14.29 6.77 14.39
CA GLU A 347 -13.71 7.40 15.57
C GLU A 347 -12.36 6.80 15.93
N LEU A 348 -11.69 6.19 14.95
CA LEU A 348 -10.30 5.76 15.10
C LEU A 348 -9.41 6.92 14.69
N TYR A 349 -9.24 7.86 15.61
CA TYR A 349 -8.62 9.14 15.26
C TYR A 349 -7.11 9.01 15.07
N GLU A 350 -6.48 8.02 15.72
CA GLU A 350 -5.05 7.82 15.47
C GLU A 350 -4.81 7.32 14.05
N ALA A 351 -5.69 6.44 13.57
CA ALA A 351 -5.55 5.94 12.21
C ALA A 351 -5.90 7.01 11.19
N ALA A 352 -6.95 7.78 11.44
CA ALA A 352 -7.29 8.88 10.55
C ALA A 352 -6.14 9.87 10.45
N ALA A 353 -5.56 10.25 11.59
CA ALA A 353 -4.50 11.24 11.60
C ALA A 353 -3.31 10.80 10.75
N VAL A 354 -2.81 9.58 10.98
CA VAL A 354 -1.60 9.14 10.27
C VAL A 354 -1.90 8.94 8.79
N THR A 355 -3.12 8.51 8.46
CA THR A 355 -3.47 8.30 7.06
C THR A 355 -3.62 9.64 6.34
N TYR A 356 -4.28 10.61 6.98
CA TYR A 356 -4.34 11.96 6.43
C TYR A 356 -2.94 12.50 6.18
N GLU A 357 -2.08 12.48 7.20
CA GLU A 357 -0.74 13.03 7.04
C GLU A 357 0.03 12.29 5.96
N ALA A 358 -0.21 10.99 5.80
CA ALA A 358 0.45 10.24 4.74
C ALA A 358 0.05 10.77 3.37
N VAL A 359 -1.22 11.19 3.23
CA VAL A 359 -1.65 11.80 1.97
C VAL A 359 -0.80 13.03 1.66
N PHE A 360 -0.59 13.88 2.67
CA PHE A 360 0.21 15.08 2.46
C PHE A 360 1.65 14.72 2.10
N ASP A 361 2.24 13.79 2.84
CA ASP A 361 3.64 13.45 2.62
C ASP A 361 3.85 12.84 1.23
N ALA A 362 2.90 12.05 0.76
CA ALA A 362 3.06 11.34 -0.51
C ALA A 362 2.55 12.14 -1.70
N TYR A 363 1.54 12.99 -1.51
CA TYR A 363 0.91 13.71 -2.62
C TYR A 363 0.74 15.18 -2.27
N PRO A 364 1.82 15.86 -1.86
CA PRO A 364 1.72 17.29 -1.57
C PRO A 364 1.35 18.13 -2.77
N ASP A 365 1.53 17.59 -3.97
CA ASP A 365 1.23 18.27 -5.21
C ASP A 365 -0.24 18.15 -5.61
N THR A 366 -1.06 17.41 -4.86
CA THR A 366 -2.41 17.10 -5.28
C THR A 366 -3.44 18.00 -4.61
N PRO A 367 -4.65 18.08 -5.18
CA PRO A 367 -5.71 18.89 -4.55
C PRO A 367 -6.00 18.50 -3.12
N TRP A 368 -5.81 17.24 -2.75
CA TRP A 368 -6.16 16.75 -1.43
C TRP A 368 -5.13 17.10 -0.38
N ALA A 369 -4.00 17.70 -0.77
CA ALA A 369 -2.91 17.92 0.17
C ALA A 369 -3.36 18.76 1.36
N ASP A 370 -3.96 19.93 1.11
CA ASP A 370 -4.29 20.83 2.21
C ASP A 370 -5.51 20.31 2.99
N ASP A 371 -6.47 19.70 2.31
CA ASP A 371 -7.55 19.02 3.01
C ASP A 371 -6.99 17.99 3.99
N ALA A 372 -5.98 17.23 3.55
CA ALA A 372 -5.42 16.18 4.39
C ALA A 372 -4.70 16.75 5.59
N LEU A 373 -3.91 17.82 5.40
CA LEU A 373 -3.24 18.46 6.52
C LEU A 373 -4.25 18.86 7.59
N VAL A 374 -5.37 19.47 7.17
CA VAL A 374 -6.37 19.91 8.13
C VAL A 374 -7.09 18.72 8.74
N GLY A 375 -7.33 17.69 7.95
CA GLY A 375 -7.91 16.47 8.50
C GLY A 375 -7.01 15.82 9.51
N ALA A 376 -5.70 15.86 9.27
CA ALA A 376 -4.74 15.30 10.22
C ALA A 376 -4.70 16.13 11.51
N MET A 377 -4.61 17.46 11.37
CA MET A 377 -4.76 18.33 12.54
C MET A 377 -6.01 17.96 13.32
N ARG A 378 -7.14 17.87 12.63
CA ARG A 378 -8.41 17.59 13.29
C ARG A 378 -8.35 16.25 14.03
N ALA A 379 -7.80 15.22 13.40
CA ALA A 379 -7.78 13.89 14.01
C ALA A 379 -6.77 13.82 15.15
N TYR A 380 -5.58 14.41 14.97
CA TYR A 380 -4.61 14.44 16.06
C TYR A 380 -5.19 15.13 17.29
N ILE A 381 -5.92 16.22 17.07
CA ILE A 381 -6.54 16.93 18.20
C ILE A 381 -7.58 16.05 18.88
N ALA A 382 -8.42 15.37 18.10
CA ALA A 382 -9.43 14.50 18.68
C ALA A 382 -8.78 13.34 19.43
N TYR A 383 -7.71 12.77 18.86
CA TYR A 383 -7.03 11.66 19.53
C TYR A 383 -6.39 12.12 20.83
N ALA A 384 -5.83 13.34 20.84
CA ALA A 384 -5.21 13.87 22.04
C ALA A 384 -6.23 14.02 23.17
N GLU A 385 -7.49 14.28 22.83
CA GLU A 385 -8.50 14.55 23.86
C GLU A 385 -8.89 13.28 24.62
N GLN A 386 -8.84 12.11 23.97
CA GLN A 386 -9.14 10.85 24.62
C GLN A 386 -7.89 10.09 25.01
N SER A 387 -6.73 10.75 25.04
CA SER A 387 -5.46 10.11 25.29
C SER A 387 -4.97 10.37 26.71
N VAL A 388 -4.01 9.55 27.14
CA VAL A 388 -3.35 9.77 28.43
C VAL A 388 -2.61 11.09 28.41
N ARG A 389 -2.70 11.82 29.53
CA ARG A 389 -2.15 13.18 29.60
C ARG A 389 -0.67 13.21 29.26
N ALA A 390 0.06 12.13 29.57
CA ALA A 390 1.50 12.12 29.29
C ALA A 390 1.78 12.20 27.80
N ARG A 391 0.89 11.66 26.97
CA ARG A 391 1.09 11.58 25.53
C ARG A 391 0.37 12.68 24.76
N GLN A 392 -0.42 13.51 25.43
CA GLN A 392 -1.11 14.60 24.73
C GLN A 392 -0.14 15.61 24.15
N PRO A 393 0.85 16.12 24.89
CA PRO A 393 1.82 17.06 24.33
C PRO A 393 2.30 16.72 22.91
N GLU A 394 2.77 15.49 22.70
CA GLU A 394 3.34 15.15 21.39
C GLU A 394 2.26 15.12 20.30
N ARG A 395 1.01 14.86 20.66
CA ARG A 395 -0.06 14.86 19.66
C ARG A 395 -0.49 16.27 19.30
N TYR A 396 -0.69 17.13 20.31
CA TYR A 396 -1.02 18.52 20.04
C TYR A 396 0.10 19.22 19.29
N ARG A 397 1.35 18.90 19.63
CA ARG A 397 2.48 19.55 18.96
C ARG A 397 2.53 19.19 17.49
N ARG A 398 2.22 17.94 17.15
CA ARG A 398 2.22 17.53 15.74
C ARG A 398 1.20 18.33 14.94
N ALA A 399 0.04 18.62 15.54
CA ALA A 399 -0.93 19.49 14.89
C ALA A 399 -0.33 20.87 14.63
N VAL A 400 0.31 21.44 15.65
CA VAL A 400 0.94 22.75 15.51
C VAL A 400 1.97 22.73 14.38
N GLU A 401 2.86 21.73 14.39
CA GLU A 401 3.87 21.63 13.34
C GLU A 401 3.21 21.54 11.96
N LEU A 402 2.09 20.83 11.86
CA LEU A 402 1.37 20.72 10.60
C LEU A 402 0.86 22.08 10.14
N TYR A 403 0.30 22.86 11.07
CA TYR A 403 -0.19 24.19 10.72
C TYR A 403 0.95 25.08 10.23
N GLU A 404 2.11 25.01 10.89
CA GLU A 404 3.26 25.78 10.44
C GLU A 404 3.72 25.31 9.06
N ARG A 405 3.49 24.05 8.73
CA ARG A 405 3.77 23.56 7.38
C ARG A 405 2.75 24.10 6.39
N LEU A 406 1.47 24.09 6.78
CA LEU A 406 0.41 24.59 5.91
C LEU A 406 0.75 26.01 5.42
N LEU A 407 1.05 26.90 6.35
CA LEU A 407 1.34 28.30 5.99
C LEU A 407 2.47 28.40 4.99
N GLN A 408 3.46 27.52 5.08
CA GLN A 408 4.59 27.60 4.16
C GLN A 408 4.24 27.01 2.80
N ILE A 409 3.62 25.83 2.77
CA ILE A 409 3.42 25.12 1.52
C ILE A 409 2.20 25.64 0.77
N PHE A 410 1.16 26.06 1.48
CA PHE A 410 -0.07 26.57 0.88
C PHE A 410 -0.43 27.90 1.54
N PRO A 411 0.32 28.96 1.23
CA PRO A 411 0.12 30.23 1.96
C PRO A 411 -1.26 30.83 1.79
N ASP A 412 -1.94 30.55 0.69
CA ASP A 412 -3.25 31.13 0.39
C ASP A 412 -4.33 30.05 0.33
N SER A 413 -4.17 28.99 1.12
CA SER A 413 -5.12 27.89 1.08
C SER A 413 -6.50 28.36 1.52
N PRO A 414 -7.58 27.88 0.88
CA PRO A 414 -8.92 28.24 1.35
C PRO A 414 -9.23 27.72 2.74
N LEU A 415 -8.51 26.72 3.21
CA LEU A 415 -8.78 26.08 4.50
C LEU A 415 -8.01 26.73 5.65
N LEU A 416 -7.32 27.85 5.39
CA LEU A 416 -6.48 28.46 6.42
C LEU A 416 -7.28 28.81 7.68
N ARG A 417 -8.45 29.43 7.49
CA ARG A 417 -9.22 29.88 8.65
C ARG A 417 -9.64 28.70 9.51
N THR A 418 -10.20 27.66 8.89
CA THR A 418 -10.51 26.43 9.61
C THR A 418 -9.27 25.87 10.29
N ALA A 419 -8.12 25.92 9.60
CA ALA A 419 -6.88 25.41 10.17
C ALA A 419 -6.42 26.27 11.34
N GLU A 420 -6.55 27.59 11.22
CA GLU A 420 -6.13 28.48 12.30
C GLU A 420 -6.93 28.23 13.57
N GLU A 421 -8.24 28.01 13.43
CA GLU A 421 -9.07 27.70 14.59
C GLU A 421 -8.58 26.44 15.29
N LEU A 422 -8.30 25.39 14.53
CA LEU A 422 -7.70 24.19 15.10
C LEU A 422 -6.33 24.48 15.69
N TYR A 423 -5.51 25.27 14.99
CA TYR A 423 -4.21 25.64 15.51
C TYR A 423 -4.34 26.33 16.86
N THR A 424 -5.38 27.15 17.02
CA THR A 424 -5.60 27.82 18.31
C THR A 424 -5.73 26.79 19.42
N ARG A 425 -6.76 25.93 19.33
CA ARG A 425 -7.01 24.94 20.37
C ARG A 425 -5.75 24.16 20.74
N ALA A 426 -5.03 23.66 19.72
CA ALA A 426 -3.85 22.86 19.99
C ALA A 426 -2.82 23.64 20.80
N ARG A 427 -2.60 24.91 20.43
CA ARG A 427 -1.58 25.70 21.12
C ARG A 427 -2.03 26.13 22.50
N GLN A 428 -3.33 26.35 22.70
CA GLN A 428 -3.83 26.69 24.03
C GLN A 428 -3.65 25.52 24.99
N ARG A 429 -4.12 24.33 24.57
CA ARG A 429 -4.07 23.16 25.44
C ARG A 429 -2.64 22.66 25.64
N LEU A 430 -1.75 22.92 24.68
CA LEU A 430 -0.40 22.39 24.76
C LEU A 430 0.39 23.02 25.91
N THR A 431 0.23 24.34 26.11
CA THR A 431 0.99 25.01 27.16
C THR A 431 0.61 24.48 28.54
N GLU A 432 -0.67 24.22 28.75
CA GLU A 432 -1.18 23.80 30.05
C GLU A 432 -0.44 22.57 30.57
#